data_5B0H
#
_entry.id   5B0H
#
_cell.length_a   59.415
_cell.length_b   63.514
_cell.length_c   63.976
_cell.angle_alpha   90.00
_cell.angle_beta   90.00
_cell.angle_gamma   90.00
#
_symmetry.space_group_name_H-M   'P 21 21 21'
#
loop_
_entity.id
_entity.type
_entity.pdbx_description
1 polymer 'Leukocyte cell-derived chemotaxin-2'
2 non-polymer 'ZINC ION'
3 non-polymer 'SULFATE ION'
4 water water
#
_entity_poly.entity_id   1
_entity_poly.type   'polypeptide(L)'
_entity_poly.pdbx_seq_one_letter_code
;GPGPWANICAGKSSNEIRTCDRHGCGQYSAQRSQRPHQGVDVLCSAGSTVYAPFTGMIVGQEKPYQNKNAINNGVRISGR
GFCVKMFYIKPIKYKGPIKKGEKLGTLLPLQKVYPGIQSHVHIENCDSSDPTAYL
;
_entity_poly.pdbx_strand_id   A,B
#
# COMPACT_ATOMS: atom_id res chain seq x y z
N GLY A 3 6.59 -23.06 -0.86
CA GLY A 3 7.51 -23.42 -1.95
C GLY A 3 8.88 -22.84 -1.76
N PRO A 4 9.73 -23.01 -2.77
CA PRO A 4 11.11 -22.68 -2.67
C PRO A 4 11.46 -21.18 -2.72
N TRP A 5 10.61 -20.36 -3.31
CA TRP A 5 11.03 -18.97 -3.49
C TRP A 5 11.09 -18.18 -2.17
N ALA A 6 11.97 -17.22 -2.08
CA ALA A 6 12.00 -16.24 -0.99
C ALA A 6 10.72 -15.40 -0.94
N ASN A 7 10.38 -14.91 0.26
CA ASN A 7 9.32 -13.91 0.37
C ASN A 7 9.75 -12.65 -0.37
N ILE A 8 8.94 -12.28 -1.32
CA ILE A 8 9.24 -11.29 -2.29
C ILE A 8 9.00 -9.87 -1.74
N CYS A 9 8.04 -9.71 -0.87
CA CYS A 9 7.67 -8.36 -0.49
C CYS A 9 8.13 -8.01 0.91
N ALA A 10 8.91 -6.92 1.01
CA ALA A 10 9.55 -6.49 2.27
C ALA A 10 8.68 -6.66 3.54
N GLY A 11 7.40 -6.30 3.47
CA GLY A 11 6.58 -6.40 4.66
C GLY A 11 5.91 -7.71 5.01
N LYS A 12 6.36 -8.81 4.39
CA LYS A 12 5.55 -10.05 4.43
C LYS A 12 6.25 -11.29 5.04
N SER A 13 5.48 -12.11 5.75
CA SER A 13 5.99 -13.37 6.31
C SER A 13 6.15 -14.40 5.21
N SER A 14 5.27 -14.33 4.21
CA SER A 14 5.22 -15.29 3.11
C SER A 14 4.75 -14.59 1.84
N ASN A 15 4.54 -15.38 0.79
CA ASN A 15 4.13 -14.86 -0.50
C ASN A 15 2.62 -15.08 -0.66
N GLU A 16 1.81 -14.22 -0.08
CA GLU A 16 0.37 -14.41 -0.15
C GLU A 16 -0.15 -13.86 -1.44
N ILE A 17 -1.20 -14.49 -1.97
CA ILE A 17 -1.75 -14.15 -3.26
C ILE A 17 -3.04 -13.26 -3.20
N ARG A 18 -3.10 -12.29 -4.13
CA ARG A 18 -4.26 -11.42 -4.26
C ARG A 18 -5.53 -12.25 -4.46
N THR A 19 -6.56 -11.92 -3.71
CA THR A 19 -7.84 -12.59 -3.88
C THR A 19 -8.63 -11.81 -4.92
N CYS A 20 -9.81 -11.30 -4.54
CA CYS A 20 -10.68 -10.58 -5.49
C CYS A 20 -11.01 -9.20 -4.96
N ASP A 21 -10.80 -8.20 -5.80
CA ASP A 21 -11.16 -6.84 -5.49
C ASP A 21 -12.01 -6.28 -6.64
N ARG A 22 -12.32 -4.99 -6.60
CA ARG A 22 -13.18 -4.36 -7.61
C ARG A 22 -12.60 -4.40 -9.04
N HIS A 23 -11.27 -4.55 -9.17
CA HIS A 23 -10.65 -4.68 -10.47
C HIS A 23 -10.57 -6.09 -11.08
N GLY A 24 -10.60 -7.11 -10.23
CA GLY A 24 -10.43 -8.51 -10.64
C GLY A 24 -9.80 -9.35 -9.54
N CYS A 25 -9.37 -10.57 -9.91
CA CYS A 25 -8.79 -11.51 -9.00
C CYS A 25 -7.32 -11.86 -9.35
N GLY A 26 -6.57 -12.29 -8.36
CA GLY A 26 -5.09 -12.38 -8.49
C GLY A 26 -4.53 -13.74 -8.82
N GLN A 27 -5.36 -14.78 -8.78
CA GLN A 27 -4.83 -16.15 -8.96
C GLN A 27 -4.45 -16.39 -10.40
N TYR A 28 -3.57 -17.39 -10.61
CA TYR A 28 -3.26 -17.81 -11.97
C TYR A 28 -4.53 -18.18 -12.69
N SER A 29 -4.63 -17.78 -13.95
CA SER A 29 -5.76 -17.99 -14.87
C SER A 29 -7.07 -17.26 -14.53
N ALA A 30 -7.03 -16.42 -13.51
CA ALA A 30 -8.15 -15.51 -13.17
C ALA A 30 -8.75 -14.84 -14.41
N GLN A 31 -10.05 -14.60 -14.31
CA GLN A 31 -10.78 -13.97 -15.36
C GLN A 31 -10.20 -12.56 -15.64
N ARG A 32 -9.92 -12.33 -16.92
CA ARG A 32 -9.49 -11.04 -17.45
C ARG A 32 -10.27 -10.85 -18.73
N SER A 33 -10.24 -9.64 -19.28
CA SER A 33 -10.92 -9.38 -20.54
C SER A 33 -10.45 -10.20 -21.79
N GLN A 34 -9.27 -10.10 -22.33
CA GLN A 34 -9.28 -10.91 -23.66
C GLN A 34 -9.02 -12.43 -23.41
N ARG A 35 -8.34 -12.67 -22.31
CA ARG A 35 -7.61 -13.92 -22.11
C ARG A 35 -7.35 -14.00 -20.63
N PRO A 36 -7.15 -15.23 -20.10
CA PRO A 36 -6.99 -15.36 -18.66
C PRO A 36 -5.71 -14.73 -18.18
N HIS A 37 -5.71 -14.39 -16.89
CA HIS A 37 -4.50 -13.94 -16.18
C HIS A 37 -3.34 -14.93 -16.37
N GLN A 38 -2.19 -14.45 -16.86
CA GLN A 38 -1.05 -15.28 -17.20
C GLN A 38 0.00 -15.45 -16.07
N GLY A 39 -0.19 -14.80 -14.94
CA GLY A 39 0.69 -14.93 -13.83
C GLY A 39 -0.05 -14.97 -12.55
N VAL A 40 0.65 -14.67 -11.47
CA VAL A 40 0.08 -14.65 -10.13
C VAL A 40 0.42 -13.31 -9.48
N ASP A 41 -0.55 -12.74 -8.79
CA ASP A 41 -0.39 -11.45 -8.13
C ASP A 41 -0.11 -11.67 -6.66
N VAL A 42 1.15 -11.37 -6.27
CA VAL A 42 1.66 -11.56 -4.96
C VAL A 42 1.49 -10.27 -4.13
N LEU A 43 0.72 -10.34 -3.07
CA LEU A 43 0.47 -9.13 -2.22
C LEU A 43 1.74 -8.39 -1.80
N CYS A 44 1.71 -7.05 -1.92
CA CYS A 44 2.87 -6.22 -1.65
C CYS A 44 2.40 -4.75 -1.61
N SER A 45 2.81 -4.00 -0.61
CA SER A 45 2.38 -2.61 -0.44
C SER A 45 3.15 -1.67 -1.38
N ALA A 46 2.42 -0.77 -2.05
CA ALA A 46 3.06 0.23 -2.90
C ALA A 46 4.21 0.97 -2.16
N GLY A 47 5.35 1.16 -2.83
CA GLY A 47 6.52 1.72 -2.25
C GLY A 47 7.48 0.78 -1.53
N SER A 48 7.06 -0.48 -1.32
CA SER A 48 7.85 -1.45 -0.59
C SER A 48 9.04 -1.94 -1.38
N THR A 49 10.10 -2.28 -0.66
CA THR A 49 11.21 -3.04 -1.21
C THR A 49 10.75 -4.45 -1.61
N VAL A 50 11.15 -4.86 -2.82
CA VAL A 50 10.89 -6.21 -3.33
C VAL A 50 12.24 -6.94 -3.41
N TYR A 51 12.22 -8.21 -3.08
CA TYR A 51 13.42 -9.01 -3.06
C TYR A 51 13.35 -10.17 -4.05
N ALA A 52 14.52 -10.58 -4.53
CA ALA A 52 14.62 -11.65 -5.50
C ALA A 52 14.06 -12.98 -4.96
N PRO A 53 13.15 -13.62 -5.74
CA PRO A 53 12.62 -14.92 -5.26
C PRO A 53 13.64 -16.04 -5.26
N PHE A 54 14.66 -15.92 -6.11
CA PHE A 54 15.69 -16.98 -6.31
C PHE A 54 16.97 -16.39 -6.82
N THR A 55 18.06 -17.19 -6.71
CA THR A 55 19.34 -16.78 -7.19
C THR A 55 19.44 -16.97 -8.70
N GLY A 56 19.92 -15.96 -9.41
CA GLY A 56 20.08 -16.04 -10.85
C GLY A 56 20.56 -14.76 -11.48
N MET A 57 20.25 -14.58 -12.74
CA MET A 57 20.77 -13.45 -13.50
C MET A 57 19.55 -12.63 -13.93
N ILE A 58 19.56 -11.33 -13.65
CA ILE A 58 18.61 -10.42 -14.31
C ILE A 58 18.96 -10.36 -15.76
N VAL A 59 18.01 -10.77 -16.61
CA VAL A 59 18.16 -10.96 -18.02
C VAL A 59 17.95 -9.62 -18.80
N GLY A 60 17.09 -8.77 -18.30
CA GLY A 60 16.72 -7.57 -19.03
C GLY A 60 15.54 -6.89 -18.40
N GLN A 61 15.35 -5.61 -18.74
CA GLN A 61 14.09 -4.92 -18.41
C GLN A 61 12.96 -5.64 -19.14
N GLU A 62 11.81 -5.74 -18.50
CA GLU A 62 10.66 -6.23 -19.18
C GLU A 62 9.46 -5.49 -18.64
N LYS A 63 8.87 -4.66 -19.50
CA LYS A 63 7.72 -3.82 -19.05
C LYS A 63 6.43 -4.55 -19.20
N PRO A 64 5.48 -4.33 -18.28
CA PRO A 64 4.21 -5.00 -18.46
C PRO A 64 3.36 -4.45 -19.64
N TYR A 65 3.52 -3.18 -19.98
CA TYR A 65 2.61 -2.53 -20.92
C TYR A 65 3.35 -1.88 -22.12
N GLN A 66 2.62 -1.77 -23.22
CA GLN A 66 3.05 -1.04 -24.39
C GLN A 66 3.04 0.49 -24.28
N ASN A 67 2.36 1.00 -23.26
CA ASN A 67 2.21 2.45 -23.07
C ASN A 67 2.62 2.88 -21.69
N LYS A 68 3.03 4.13 -21.59
CA LYS A 68 3.52 4.71 -20.34
C LYS A 68 2.40 4.86 -19.29
N ASN A 69 2.72 4.41 -18.07
CA ASN A 69 1.93 4.69 -16.84
C ASN A 69 2.84 4.60 -15.65
N ALA A 70 2.34 4.91 -14.45
CA ALA A 70 3.14 4.98 -13.25
C ALA A 70 3.78 3.65 -12.80
N ILE A 71 3.30 2.53 -13.31
CA ILE A 71 3.74 1.21 -12.87
C ILE A 71 4.44 0.37 -13.97
N ASN A 72 4.80 1.02 -15.08
CA ASN A 72 5.23 0.30 -16.25
C ASN A 72 6.77 0.00 -16.25
N ASN A 73 7.19 -0.86 -15.33
CA ASN A 73 8.55 -1.29 -15.32
C ASN A 73 8.54 -2.73 -14.78
N GLY A 74 9.64 -3.41 -14.96
CA GLY A 74 9.85 -4.72 -14.47
C GLY A 74 11.07 -5.36 -15.05
N VAL A 75 11.26 -6.65 -14.72
CA VAL A 75 12.46 -7.38 -15.20
C VAL A 75 12.15 -8.84 -15.43
N ARG A 76 13.04 -9.47 -16.20
CA ARG A 76 13.09 -10.90 -16.38
C ARG A 76 14.33 -11.41 -15.66
N ILE A 77 14.16 -12.49 -14.91
CA ILE A 77 15.24 -13.12 -14.17
C ILE A 77 15.20 -14.63 -14.37
N SER A 78 16.37 -15.23 -14.55
CA SER A 78 16.49 -16.65 -14.79
C SER A 78 17.67 -17.22 -14.05
N GLY A 79 17.50 -18.47 -13.61
CA GLY A 79 18.53 -19.18 -12.94
C GLY A 79 18.00 -20.24 -12.02
N ARG A 80 18.86 -21.20 -11.70
CA ARG A 80 18.47 -22.22 -10.72
C ARG A 80 17.20 -22.99 -11.13
N GLY A 81 16.92 -23.08 -12.43
CA GLY A 81 15.75 -23.84 -12.85
C GLY A 81 14.49 -22.99 -12.99
N PHE A 82 14.60 -21.66 -12.77
CA PHE A 82 13.45 -20.71 -12.77
C PHE A 82 13.68 -19.63 -13.80
N CYS A 83 12.59 -19.16 -14.37
CA CYS A 83 12.61 -18.00 -15.28
C CYS A 83 11.30 -17.27 -15.10
N VAL A 84 11.40 -16.04 -14.56
CA VAL A 84 10.21 -15.24 -14.27
C VAL A 84 10.29 -13.86 -14.88
N LYS A 85 9.12 -13.29 -15.14
CA LYS A 85 8.95 -11.84 -15.39
C LYS A 85 8.26 -11.29 -14.14
N MET A 86 8.77 -10.19 -13.62
CA MET A 86 8.24 -9.52 -12.43
C MET A 86 7.91 -8.06 -12.81
N PHE A 87 6.62 -7.70 -12.73
CA PHE A 87 6.14 -6.39 -13.17
C PHE A 87 5.72 -5.47 -11.99
N TYR A 88 5.82 -4.15 -12.18
CA TYR A 88 5.38 -3.06 -11.31
C TYR A 88 6.44 -2.67 -10.30
N ILE A 89 7.69 -2.95 -10.68
CA ILE A 89 8.88 -2.70 -9.88
C ILE A 89 9.86 -1.81 -10.62
N LYS A 90 10.43 -0.84 -9.90
CA LYS A 90 11.60 -0.15 -10.42
C LYS A 90 12.79 -0.94 -9.88
N PRO A 91 13.56 -1.56 -10.77
CA PRO A 91 14.65 -2.39 -10.27
C PRO A 91 15.92 -1.59 -10.02
N ILE A 92 16.83 -2.19 -9.27
CA ILE A 92 18.19 -1.67 -9.05
C ILE A 92 19.03 -1.66 -10.30
N LYS A 93 18.79 -2.62 -11.18
CA LYS A 93 19.57 -2.75 -12.38
C LYS A 93 18.80 -3.65 -13.30
N TYR A 94 19.09 -3.57 -14.60
CA TYR A 94 18.33 -4.29 -15.61
C TYR A 94 19.08 -5.53 -16.13
N LYS A 95 20.30 -5.74 -15.67
CA LYS A 95 21.11 -6.90 -16.06
C LYS A 95 22.11 -7.19 -14.93
N GLY A 96 22.55 -8.44 -14.81
CA GLY A 96 23.55 -8.82 -13.83
C GLY A 96 23.09 -9.83 -12.82
N PRO A 97 24.02 -10.36 -12.00
CA PRO A 97 23.67 -11.37 -10.97
C PRO A 97 22.84 -10.86 -9.79
N ILE A 98 21.97 -11.71 -9.28
CA ILE A 98 21.16 -11.42 -8.11
C ILE A 98 21.05 -12.64 -7.26
N LYS A 99 20.98 -12.46 -5.95
CA LYS A 99 20.87 -13.60 -5.02
C LYS A 99 19.47 -13.71 -4.43
N LYS A 100 19.03 -14.92 -4.20
CA LYS A 100 17.81 -15.14 -3.45
C LYS A 100 17.73 -14.21 -2.24
N GLY A 101 16.58 -13.53 -2.08
CA GLY A 101 16.37 -12.56 -0.97
C GLY A 101 17.14 -11.26 -1.06
N GLU A 102 17.96 -11.06 -2.10
CA GLU A 102 18.60 -9.76 -2.31
C GLU A 102 17.60 -8.66 -2.76
N LYS A 103 17.82 -7.39 -2.36
CA LYS A 103 17.01 -6.28 -2.85
C LYS A 103 17.03 -6.24 -4.37
N LEU A 104 15.82 -6.31 -4.94
CA LEU A 104 15.61 -6.30 -6.37
C LEU A 104 15.15 -4.93 -6.83
N GLY A 105 14.30 -4.28 -6.03
CA GLY A 105 13.77 -2.97 -6.36
C GLY A 105 12.67 -2.50 -5.41
N THR A 106 11.84 -1.60 -5.94
CA THR A 106 10.76 -0.99 -5.23
C THR A 106 9.44 -1.09 -6.00
N LEU A 107 8.36 -1.41 -5.30
CA LEU A 107 7.03 -1.56 -5.93
C LEU A 107 6.51 -0.17 -6.31
N LEU A 108 6.09 -0.04 -7.57
CA LEU A 108 5.65 1.26 -8.12
C LEU A 108 4.21 1.57 -7.64
N PRO A 109 3.68 2.75 -8.00
CA PRO A 109 2.42 3.22 -7.39
C PRO A 109 1.17 2.50 -7.89
N LEU A 110 0.95 1.24 -7.46
CA LEU A 110 -0.27 0.51 -7.78
C LEU A 110 -1.57 1.27 -7.57
N GLN A 111 -1.69 2.05 -6.49
CA GLN A 111 -2.97 2.71 -6.16
C GLN A 111 -3.23 3.93 -7.00
N LYS A 112 -2.21 4.43 -7.67
CA LYS A 112 -2.34 5.52 -8.63
C LYS A 112 -2.98 5.00 -9.92
N VAL A 113 -2.55 3.82 -10.36
CA VAL A 113 -3.05 3.26 -11.64
C VAL A 113 -4.40 2.55 -11.45
N TYR A 114 -4.50 1.79 -10.37
CA TYR A 114 -5.68 0.96 -10.07
C TYR A 114 -6.14 1.21 -8.62
N PRO A 115 -6.73 2.40 -8.37
CA PRO A 115 -7.20 2.70 -6.98
C PRO A 115 -8.17 1.66 -6.49
N GLY A 116 -7.93 1.13 -5.29
CA GLY A 116 -8.77 0.08 -4.74
C GLY A 116 -8.36 -1.35 -5.07
N ILE A 117 -7.34 -1.55 -5.92
CA ILE A 117 -6.77 -2.89 -6.13
C ILE A 117 -6.06 -3.32 -4.84
N GLN A 118 -5.96 -4.65 -4.65
CA GLN A 118 -4.99 -5.17 -3.69
C GLN A 118 -3.61 -5.06 -4.32
N SER A 119 -2.79 -4.19 -3.76
CA SER A 119 -1.48 -3.88 -4.33
C SER A 119 -0.64 -5.17 -4.36
N HIS A 120 0.13 -5.34 -5.43
CA HIS A 120 0.81 -6.63 -5.69
C HIS A 120 1.95 -6.43 -6.67
N VAL A 121 2.89 -7.38 -6.67
CA VAL A 121 3.76 -7.61 -7.83
C VAL A 121 3.09 -8.70 -8.68
N HIS A 122 3.05 -8.52 -9.99
CA HIS A 122 2.62 -9.54 -10.90
C HIS A 122 3.83 -10.36 -11.34
N ILE A 123 3.76 -11.65 -11.07
CA ILE A 123 4.85 -12.56 -11.36
C ILE A 123 4.36 -13.62 -12.36
N GLU A 124 5.20 -13.90 -13.31
CA GLU A 124 4.83 -14.78 -14.42
C GLU A 124 6.02 -15.70 -14.68
N ASN A 125 5.77 -16.98 -14.94
CA ASN A 125 6.82 -17.82 -15.47
C ASN A 125 7.08 -17.34 -16.87
N CYS A 126 8.33 -17.44 -17.34
CA CYS A 126 8.64 -17.04 -18.71
C CYS A 126 7.85 -17.80 -19.78
N ASP A 127 7.48 -19.03 -19.53
CA ASP A 127 6.63 -19.79 -20.50
C ASP A 127 5.12 -19.61 -20.22
N SER A 128 4.78 -18.73 -19.29
CA SER A 128 3.35 -18.50 -18.88
C SER A 128 2.62 -19.61 -18.16
N SER A 129 3.35 -20.63 -17.75
CA SER A 129 2.81 -21.70 -16.96
C SER A 129 2.59 -21.25 -15.53
N ASP A 130 1.82 -22.03 -14.78
CA ASP A 130 1.44 -21.69 -13.40
C ASP A 130 2.66 -21.63 -12.47
N PRO A 131 2.95 -20.46 -11.85
CA PRO A 131 4.05 -20.36 -10.89
C PRO A 131 3.68 -20.57 -9.42
N THR A 132 2.39 -20.84 -9.16
CA THR A 132 1.89 -20.86 -7.79
C THR A 132 2.69 -21.80 -6.85
N ALA A 133 3.14 -22.93 -7.37
CA ALA A 133 3.81 -23.96 -6.57
C ALA A 133 5.11 -23.48 -5.98
N TYR A 134 5.73 -22.50 -6.66
CA TYR A 134 7.04 -22.03 -6.27
C TYR A 134 6.99 -21.02 -5.16
N LEU A 135 5.83 -20.36 -5.00
CA LEU A 135 5.66 -19.28 -4.00
C LEU A 135 5.80 -19.78 -2.57
N GLY B 3 -22.53 8.30 10.25
CA GLY B 3 -21.70 9.54 10.51
C GLY B 3 -21.74 10.53 9.37
N PRO B 4 -21.42 11.80 9.64
CA PRO B 4 -21.44 12.83 8.59
C PRO B 4 -20.15 12.95 7.73
N TRP B 5 -19.12 12.20 8.06
CA TRP B 5 -17.82 12.39 7.39
C TRP B 5 -17.76 11.66 6.08
N ALA B 6 -16.98 12.18 5.14
CA ALA B 6 -16.79 11.58 3.86
C ALA B 6 -15.94 10.29 3.99
N ASN B 7 -16.10 9.42 3.00
CA ASN B 7 -15.22 8.28 2.86
C ASN B 7 -13.81 8.85 2.65
N ILE B 8 -12.88 8.44 3.49
CA ILE B 8 -11.51 9.05 3.48
C ILE B 8 -10.58 8.42 2.43
N CYS B 9 -10.69 7.11 2.18
CA CYS B 9 -9.68 6.41 1.41
C CYS B 9 -10.17 6.08 0.01
N ALA B 10 -9.50 6.65 -1.01
CA ALA B 10 -9.86 6.40 -2.40
C ALA B 10 -9.82 4.89 -2.70
N GLY B 11 -10.84 4.42 -3.40
CA GLY B 11 -10.92 3.02 -3.75
C GLY B 11 -11.60 2.14 -2.75
N LYS B 12 -11.94 2.68 -1.56
CA LYS B 12 -12.77 2.00 -0.58
C LYS B 12 -14.21 2.55 -0.70
N SER B 13 -15.16 1.74 -0.25
CA SER B 13 -16.58 2.07 -0.23
C SER B 13 -17.00 2.87 0.98
N SER B 14 -16.32 2.63 2.09
CA SER B 14 -16.69 3.23 3.37
C SER B 14 -15.47 3.23 4.25
N ASN B 15 -15.59 3.93 5.36
CA ASN B 15 -14.55 4.01 6.36
C ASN B 15 -14.65 2.80 7.25
N GLU B 16 -13.64 1.94 7.18
CA GLU B 16 -13.63 0.75 7.96
C GLU B 16 -12.45 0.77 8.93
N ILE B 17 -12.67 0.24 10.10
CA ILE B 17 -11.67 0.36 11.18
C ILE B 17 -10.73 -0.83 11.16
N ARG B 18 -9.45 -0.55 11.28
CA ARG B 18 -8.43 -1.64 11.41
C ARG B 18 -8.78 -2.57 12.59
N THR B 19 -8.79 -3.89 12.35
CA THR B 19 -8.99 -4.88 13.39
C THR B 19 -7.59 -5.22 13.89
N CYS B 20 -7.44 -6.15 14.80
CA CYS B 20 -6.11 -6.41 15.37
C CYS B 20 -5.17 -7.14 14.41
N ASP B 21 -3.93 -6.67 14.35
CA ASP B 21 -2.86 -7.34 13.61
C ASP B 21 -1.70 -7.51 14.57
N ARG B 22 -0.57 -7.95 14.05
CA ARG B 22 0.69 -8.13 14.85
C ARG B 22 0.98 -6.96 15.78
N HIS B 23 0.79 -5.75 15.29
CA HIS B 23 1.17 -4.54 16.02
C HIS B 23 0.20 -4.01 17.01
N GLY B 24 -1.07 -4.35 16.89
CA GLY B 24 -2.07 -3.79 17.76
C GLY B 24 -3.42 -3.68 17.04
N CYS B 25 -4.35 -2.96 17.66
CA CYS B 25 -5.74 -2.88 17.18
C CYS B 25 -6.12 -1.44 16.89
N GLY B 26 -7.01 -1.27 15.93
CA GLY B 26 -7.32 0.09 15.43
C GLY B 26 -8.45 0.85 16.08
N GLN B 27 -9.28 0.19 16.90
CA GLN B 27 -10.38 0.87 17.61
C GLN B 27 -9.96 1.98 18.59
N TYR B 28 -10.87 2.93 18.82
CA TYR B 28 -10.61 3.95 19.82
C TYR B 28 -10.37 3.29 21.16
N SER B 29 -9.39 3.81 21.87
CA SER B 29 -8.99 3.25 23.21
C SER B 29 -8.39 1.83 23.27
N ALA B 30 -8.06 1.26 22.12
CA ALA B 30 -7.30 0.03 22.03
C ALA B 30 -5.99 0.18 22.76
N GLN B 31 -5.45 -0.98 23.17
CA GLN B 31 -4.19 -0.98 23.90
C GLN B 31 -3.06 -0.32 23.11
N ARG B 32 -2.29 0.54 23.78
CA ARG B 32 -1.00 0.99 23.34
C ARG B 32 -0.14 1.06 24.61
N SER B 33 1.10 1.46 24.44
CA SER B 33 2.06 1.25 25.51
C SER B 33 1.74 2.03 26.80
N GLN B 34 1.75 3.32 26.78
CA GLN B 34 1.67 4.00 28.13
C GLN B 34 0.28 4.66 28.36
N ARG B 35 -0.47 4.79 27.29
CA ARG B 35 -1.80 5.35 27.34
C ARG B 35 -2.58 4.77 26.16
N PRO B 36 -3.91 4.73 26.22
CA PRO B 36 -4.65 4.07 25.17
C PRO B 36 -4.56 4.76 23.82
N HIS B 37 -4.93 4.02 22.77
CA HIS B 37 -5.10 4.57 21.42
C HIS B 37 -6.05 5.78 21.45
N GLN B 38 -5.52 6.94 21.06
CA GLN B 38 -6.20 8.25 21.17
C GLN B 38 -7.13 8.59 19.98
N GLY B 39 -7.23 7.69 19.00
CA GLY B 39 -7.96 7.92 17.78
C GLY B 39 -8.45 6.59 17.20
N VAL B 40 -8.79 6.61 15.91
CA VAL B 40 -9.23 5.42 15.18
C VAL B 40 -8.38 5.26 13.95
N ASP B 41 -8.11 4.01 13.59
CA ASP B 41 -7.34 3.70 12.43
C ASP B 41 -8.30 3.25 11.31
N VAL B 42 -8.35 4.04 10.27
CA VAL B 42 -9.16 3.80 9.07
C VAL B 42 -8.33 3.09 7.98
N LEU B 43 -8.77 1.88 7.64
CA LEU B 43 -8.07 1.06 6.69
C LEU B 43 -7.88 1.78 5.35
N CYS B 44 -6.66 1.72 4.80
CA CYS B 44 -6.34 2.44 3.58
C CYS B 44 -5.02 1.97 3.03
N SER B 45 -4.91 1.76 1.72
CA SER B 45 -3.69 1.21 1.17
C SER B 45 -2.63 2.27 1.00
N ALA B 46 -1.37 1.93 1.30
CA ALA B 46 -0.21 2.77 1.01
C ALA B 46 -0.22 3.33 -0.44
N GLY B 47 -0.07 4.64 -0.58
CA GLY B 47 -0.10 5.34 -1.88
C GLY B 47 -1.48 5.77 -2.35
N SER B 48 -2.53 5.40 -1.63
CA SER B 48 -3.88 5.88 -1.99
C SER B 48 -4.04 7.33 -1.75
N THR B 49 -4.84 7.96 -2.60
CA THR B 49 -5.40 9.24 -2.28
C THR B 49 -6.25 9.19 -1.03
N VAL B 50 -6.08 10.20 -0.18
CA VAL B 50 -6.89 10.40 0.99
C VAL B 50 -7.73 11.65 0.84
N TYR B 51 -8.98 11.57 1.22
CA TYR B 51 -9.89 12.71 1.10
C TYR B 51 -10.20 13.36 2.45
N ALA B 52 -10.54 14.66 2.43
CA ALA B 52 -10.94 15.37 3.64
C ALA B 52 -12.28 14.85 4.16
N PRO B 53 -12.36 14.47 5.46
CA PRO B 53 -13.61 13.92 6.00
C PRO B 53 -14.69 15.01 6.11
N PHE B 54 -14.28 16.27 6.25
CA PHE B 54 -15.25 17.38 6.35
C PHE B 54 -14.71 18.67 5.81
N THR B 55 -15.62 19.63 5.65
CA THR B 55 -15.26 20.95 5.16
C THR B 55 -14.64 21.78 6.26
N GLY B 56 -13.50 22.36 5.97
CA GLY B 56 -12.79 23.20 6.91
C GLY B 56 -11.51 23.80 6.45
N MET B 57 -10.67 24.16 7.42
CA MET B 57 -9.37 24.70 7.18
C MET B 57 -8.28 23.75 7.65
N ILE B 58 -7.30 23.52 6.80
CA ILE B 58 -6.10 22.80 7.13
C ILE B 58 -5.29 23.81 7.92
N VAL B 59 -4.98 23.47 9.17
CA VAL B 59 -4.42 24.44 10.11
C VAL B 59 -3.00 24.04 10.62
N GLY B 60 -2.23 23.43 9.74
CA GLY B 60 -0.81 23.22 9.91
C GLY B 60 -0.41 21.77 9.86
N GLN B 61 0.88 21.56 9.66
CA GLN B 61 1.50 20.25 9.74
C GLN B 61 1.40 19.67 11.16
N GLU B 62 1.13 18.38 11.21
CA GLU B 62 1.16 17.64 12.52
C GLU B 62 1.86 16.34 12.30
N LYS B 63 3.14 16.25 12.68
CA LYS B 63 3.86 14.99 12.58
C LYS B 63 3.57 14.07 13.78
N PRO B 64 3.33 12.77 13.52
CA PRO B 64 3.07 11.82 14.58
C PRO B 64 4.26 11.56 15.54
N TYR B 65 5.49 11.68 15.05
CA TYR B 65 6.66 11.18 15.78
C TYR B 65 7.78 12.23 15.87
N GLN B 66 8.61 12.06 16.89
CA GLN B 66 9.70 12.99 17.08
C GLN B 66 10.89 12.77 16.15
N ASN B 67 11.05 11.56 15.63
CA ASN B 67 12.14 11.24 14.77
C ASN B 67 11.61 10.90 13.38
N LYS B 68 12.29 11.36 12.34
CA LYS B 68 11.87 11.18 10.96
C LYS B 68 11.77 9.69 10.62
N ASN B 69 10.75 9.36 9.82
CA ASN B 69 10.58 8.03 9.23
C ASN B 69 9.60 8.19 8.07
N ALA B 70 9.40 7.13 7.28
CA ALA B 70 8.67 7.23 6.01
C ALA B 70 7.21 7.68 6.10
N ILE B 71 6.64 7.67 7.30
CA ILE B 71 5.26 8.00 7.49
C ILE B 71 5.08 9.22 8.38
N ASN B 72 6.17 9.95 8.67
CA ASN B 72 6.10 11.00 9.69
C ASN B 72 5.57 12.32 9.12
N ASN B 73 4.29 12.34 8.77
CA ASN B 73 3.66 13.59 8.27
C ASN B 73 2.18 13.49 8.58
N GLY B 74 1.53 14.64 8.56
CA GLY B 74 0.09 14.71 8.74
C GLY B 74 -0.31 16.14 8.93
N VAL B 75 -1.60 16.34 9.20
CA VAL B 75 -2.15 17.68 9.31
C VAL B 75 -3.19 17.73 10.39
N ARG B 76 -3.50 18.96 10.81
CA ARG B 76 -4.67 19.24 11.63
C ARG B 76 -5.68 19.96 10.75
N ILE B 77 -6.96 19.61 10.89
CA ILE B 77 -8.04 20.26 10.15
C ILE B 77 -9.15 20.61 11.12
N SER B 78 -9.70 21.83 11.00
CA SER B 78 -10.83 22.27 11.79
C SER B 78 -11.85 23.07 11.00
N GLY B 79 -13.13 22.93 11.39
CA GLY B 79 -14.23 23.62 10.75
C GLY B 79 -15.52 22.84 10.88
N ARG B 80 -16.64 23.56 10.76
CA ARG B 80 -17.99 22.94 10.86
C ARG B 80 -18.23 22.22 12.19
N GLY B 81 -17.49 22.61 13.21
CA GLY B 81 -17.62 22.06 14.50
C GLY B 81 -16.76 20.82 14.76
N PHE B 82 -15.91 20.46 13.80
CA PHE B 82 -15.02 19.31 13.95
C PHE B 82 -13.58 19.80 14.04
N CYS B 83 -12.73 18.92 14.54
CA CYS B 83 -11.32 19.25 14.66
C CYS B 83 -10.60 17.94 14.80
N VAL B 84 -9.74 17.63 13.84
CA VAL B 84 -9.00 16.40 13.83
C VAL B 84 -7.52 16.61 13.49
N LYS B 85 -6.74 15.66 13.95
CA LYS B 85 -5.42 15.38 13.44
C LYS B 85 -5.44 14.11 12.61
N MET B 86 -4.78 14.14 11.44
CA MET B 86 -4.68 12.96 10.55
C MET B 86 -3.23 12.68 10.25
N PHE B 87 -2.76 11.49 10.60
CA PHE B 87 -1.37 11.09 10.43
C PHE B 87 -1.15 10.08 9.32
N TYR B 88 0.08 10.09 8.82
CA TYR B 88 0.63 9.18 7.83
C TYR B 88 0.26 9.58 6.41
N ILE B 89 0.08 10.88 6.19
CA ILE B 89 -0.32 11.36 4.89
C ILE B 89 0.64 12.45 4.50
N LYS B 90 1.01 12.48 3.23
CA LYS B 90 1.65 13.64 2.65
C LYS B 90 0.56 14.52 2.08
N PRO B 91 0.34 15.70 2.68
CA PRO B 91 -0.79 16.54 2.26
C PRO B 91 -0.50 17.42 1.06
N ILE B 92 -1.57 17.82 0.38
CA ILE B 92 -1.45 18.73 -0.79
C ILE B 92 -0.89 20.06 -0.35
N LYS B 93 -1.24 20.48 0.87
CA LYS B 93 -0.71 21.70 1.50
C LYS B 93 -0.82 21.58 3.01
N TYR B 94 -0.10 22.42 3.75
CA TYR B 94 -0.19 22.42 5.25
C TYR B 94 -1.19 23.40 5.81
N LYS B 95 -1.59 24.37 4.99
CA LYS B 95 -2.52 25.40 5.43
C LYS B 95 -3.46 25.74 4.26
N GLY B 96 -4.74 25.96 4.59
CA GLY B 96 -5.71 26.41 3.63
C GLY B 96 -7.05 25.70 3.64
N PRO B 97 -8.03 26.23 2.89
CA PRO B 97 -9.37 25.68 2.84
C PRO B 97 -9.39 24.30 2.16
N ILE B 98 -10.26 23.46 2.64
CA ILE B 98 -10.53 22.18 2.00
C ILE B 98 -12.00 21.85 2.16
N LYS B 99 -12.57 21.19 1.15
CA LYS B 99 -13.96 20.80 1.19
C LYS B 99 -14.08 19.31 1.47
N LYS B 100 -15.14 18.93 2.15
CA LYS B 100 -15.49 17.52 2.44
C LYS B 100 -15.33 16.75 1.13
N GLY B 101 -14.55 15.67 1.16
CA GLY B 101 -14.38 14.78 -0.01
C GLY B 101 -13.36 15.21 -1.04
N GLU B 102 -12.75 16.39 -0.87
CA GLU B 102 -11.69 16.85 -1.71
C GLU B 102 -10.38 16.11 -1.40
N LYS B 103 -9.52 15.97 -2.40
CA LYS B 103 -8.22 15.35 -2.15
C LYS B 103 -7.42 16.16 -1.11
N LEU B 104 -7.04 15.48 -0.05
CA LEU B 104 -6.20 16.03 0.99
C LEU B 104 -4.73 15.63 0.80
N GLY B 105 -4.51 14.40 0.35
CA GLY B 105 -3.13 13.99 0.13
C GLY B 105 -3.01 12.55 -0.22
N THR B 106 -1.85 11.99 0.02
CA THR B 106 -1.63 10.56 -0.26
C THR B 106 -1.02 9.81 0.91
N LEU B 107 -1.55 8.62 1.19
CA LEU B 107 -1.10 7.79 2.33
C LEU B 107 0.34 7.32 2.15
N LEU B 108 1.10 7.48 3.22
CA LEU B 108 2.53 7.14 3.23
C LEU B 108 2.73 5.64 3.44
N PRO B 109 3.95 5.12 3.22
CA PRO B 109 4.14 3.68 3.23
C PRO B 109 4.35 3.09 4.67
N LEU B 110 3.24 2.78 5.33
CA LEU B 110 3.26 2.19 6.65
C LEU B 110 4.10 0.92 6.77
N GLN B 111 4.19 0.14 5.68
CA GLN B 111 4.91 -1.14 5.76
C GLN B 111 6.41 -1.01 5.94
N LYS B 112 6.95 0.19 5.71
CA LYS B 112 8.37 0.46 5.90
C LYS B 112 8.66 0.70 7.33
N VAL B 113 7.67 1.12 8.08
CA VAL B 113 7.88 1.46 9.45
C VAL B 113 7.40 0.30 10.34
N TYR B 114 6.20 -0.22 10.03
CA TYR B 114 5.61 -1.32 10.83
C TYR B 114 5.24 -2.49 9.89
N PRO B 115 6.24 -3.18 9.34
CA PRO B 115 5.97 -4.33 8.48
C PRO B 115 4.94 -5.29 9.11
N GLY B 116 3.89 -5.59 8.37
CA GLY B 116 2.84 -6.52 8.84
C GLY B 116 1.64 -5.81 9.44
N ILE B 117 1.74 -4.50 9.68
CA ILE B 117 0.54 -3.74 10.08
C ILE B 117 -0.47 -3.66 8.94
N GLN B 118 -1.75 -3.55 9.26
CA GLN B 118 -2.75 -3.12 8.24
C GLN B 118 -2.59 -1.65 8.01
N SER B 119 -2.25 -1.29 6.80
CA SER B 119 -2.08 0.12 6.39
C SER B 119 -3.39 0.88 6.72
N HIS B 120 -3.20 2.11 7.18
CA HIS B 120 -4.31 2.93 7.64
C HIS B 120 -3.91 4.37 7.80
N VAL B 121 -4.92 5.23 7.86
CA VAL B 121 -4.78 6.58 8.32
C VAL B 121 -5.16 6.54 9.78
N HIS B 122 -4.40 7.21 10.62
CA HIS B 122 -4.77 7.44 12.02
C HIS B 122 -5.48 8.78 12.09
N ILE B 123 -6.73 8.76 12.56
CA ILE B 123 -7.48 10.01 12.74
C ILE B 123 -7.87 10.20 14.24
N GLU B 124 -7.69 11.38 14.74
CA GLU B 124 -7.85 11.67 16.15
C GLU B 124 -8.64 12.97 16.25
N ASN B 125 -9.63 13.06 17.11
CA ASN B 125 -10.23 14.38 17.41
C ASN B 125 -9.24 15.21 18.19
N CYS B 126 -9.24 16.51 17.99
CA CYS B 126 -8.24 17.32 18.65
C CYS B 126 -8.34 17.30 20.18
N ASP B 127 -9.51 17.01 20.71
CA ASP B 127 -9.68 16.85 22.14
C ASP B 127 -9.50 15.39 22.59
N SER B 128 -9.20 14.50 21.65
CA SER B 128 -8.97 13.06 21.96
C SER B 128 -10.22 12.30 22.35
N SER B 129 -11.37 12.89 22.08
CA SER B 129 -12.64 12.17 22.20
C SER B 129 -12.79 11.16 21.02
N ASP B 130 -13.71 10.23 21.16
CA ASP B 130 -13.92 9.15 20.23
C ASP B 130 -14.49 9.71 18.93
N PRO B 131 -13.79 9.51 17.80
CA PRO B 131 -14.32 9.93 16.51
C PRO B 131 -15.19 8.89 15.80
N THR B 132 -15.40 7.73 16.41
CA THR B 132 -15.93 6.55 15.68
C THR B 132 -17.30 6.80 15.02
N ALA B 133 -18.19 7.44 15.79
CA ALA B 133 -19.56 7.77 15.30
C ALA B 133 -19.64 8.67 14.08
N TYR B 134 -18.58 9.41 13.79
CA TYR B 134 -18.58 10.31 12.64
C TYR B 134 -18.18 9.67 11.33
N LEU B 135 -17.55 8.49 11.43
CA LEU B 135 -16.94 7.83 10.30
C LEU B 135 -17.96 7.24 9.34
#